data_9KQ8
#
_entry.id   9KQ8
#
_cell.length_a   1.00
_cell.length_b   1.00
_cell.length_c   1.00
_cell.angle_alpha   90.00
_cell.angle_beta   90.00
_cell.angle_gamma   90.00
#
_symmetry.space_group_name_H-M   'P 1'
#
loop_
_entity.id
_entity.type
_entity.pdbx_description
1 polymer 'Soluble cytochrome b562,Synaptic vesicular amine transporter'
2 non-polymer valbenazine
#
_entity_poly.entity_id   1
_entity_poly.type   'polypeptide(L)'
_entity_poly.pdbx_seq_one_letter_code
;MADLEDNWETLNDNLKVIEKADNAAQVKDALTKMRAAALDAQKATPPKLEDKSPDSPEMKDFRHGFDILVGQIDDALKLA
NEGKVKEAQAAAEQLKTTRNAYIQKYLLQESRRSRKLILFIVFLALLLDNMLLTVVVPIIPSYLYSIKHEKNATEIQTAR
PVHTASISDSFQSIFSYYDNSTMVTGNATRDLTLHQTATQHMVTNASAVPSDCPSEDKDLLNENVQVGLLFASKATVQLI
TNPFIGLLTNRIGYPIPIFAGFCIMFVSTIMFAFSSSYAFLLIARSLQGIGSSCSSVAGMGMLASVYTDDEERGNVMGIA
LGGLAMGVLVGPPFGSVLYEFVGKTAPFLVLAALVLLDGAIQLFVLQPSRVQPESQKGTPLTTLLKDPYILIAAGSICFA
NMGIAMLEPALPIWMMETMCSRKWQLGVAFLPASISYLIGTNIFGILAHKMGRWLCALLGMIIVGVSILCIPFAKNIYGL
IAPNFGVGFAIGMVDSSMMPIMGYLVDLRHVSVYGSVYAIADVAFCMGYAIGPSAGGAIAKAIGFPWLMTIIGIIDILFA
PLCFFLRSPPAKEEKMAILMDHNCPIKTKMYTQNNIQSYPIGEDEESESDHHHHHHHHHHGSVEDYKDDDDK
;
_entity_poly.pdbx_strand_id   A
#
loop_
_chem_comp.id
_chem_comp.type
_chem_comp.name
_chem_comp.formula
XW7 non-polymer valbenazine 'C24 H38 N2 O4'
#
# COMPACT_ATOMS: atom_id res chain seq x y z
N SER A 114 17.70 -16.73 9.48
CA SER A 114 17.85 -16.72 8.02
C SER A 114 17.13 -15.53 7.40
N ARG A 115 17.10 -15.49 6.07
CA ARG A 115 16.44 -14.41 5.35
C ARG A 115 15.01 -14.73 4.96
N LYS A 116 14.73 -16.00 4.64
CA LYS A 116 13.37 -16.37 4.27
C LYS A 116 12.43 -16.25 5.45
N LEU A 117 12.92 -16.45 6.67
CA LEU A 117 12.09 -16.23 7.84
C LEU A 117 11.67 -14.77 7.95
N ILE A 118 12.61 -13.85 7.71
CA ILE A 118 12.29 -12.42 7.75
C ILE A 118 11.32 -12.06 6.63
N LEU A 119 11.51 -12.66 5.45
CA LEU A 119 10.59 -12.40 4.35
C LEU A 119 9.18 -12.85 4.71
N PHE A 120 9.06 -14.02 5.32
CA PHE A 120 7.75 -14.51 5.73
C PHE A 120 7.14 -13.64 6.81
N ILE A 121 7.96 -13.13 7.71
CA ILE A 121 7.45 -12.29 8.80
C ILE A 121 6.93 -10.96 8.25
N VAL A 122 7.63 -10.39 7.28
CA VAL A 122 7.14 -9.14 6.67
C VAL A 122 5.89 -9.41 5.87
N PHE A 123 5.86 -10.53 5.14
CA PHE A 123 4.68 -10.89 4.36
C PHE A 123 3.46 -11.03 5.25
N LEU A 124 3.58 -11.75 6.36
CA LEU A 124 2.44 -11.96 7.24
C LEU A 124 2.05 -10.67 7.94
N ALA A 125 3.02 -9.83 8.30
CA ALA A 125 2.70 -8.55 8.91
C ALA A 125 1.86 -7.70 7.98
N LEU A 126 2.33 -7.52 6.74
CA LEU A 126 1.57 -6.73 5.77
C LEU A 126 0.20 -7.34 5.51
N LEU A 127 0.12 -8.67 5.39
CA LEU A 127 -1.15 -9.32 5.11
C LEU A 127 -2.15 -9.09 6.22
N LEU A 128 -1.71 -9.23 7.48
CA LEU A 128 -2.64 -9.06 8.59
C LEU A 128 -3.04 -7.60 8.75
N ASP A 129 -2.09 -6.68 8.58
CA ASP A 129 -2.42 -5.27 8.67
C ASP A 129 -3.47 -4.88 7.63
N ASN A 130 -3.31 -5.37 6.39
CA ASN A 130 -4.26 -5.00 5.35
C ASN A 130 -5.57 -5.76 5.47
N MET A 131 -5.58 -6.94 6.06
CA MET A 131 -6.85 -7.59 6.28
C MET A 131 -7.62 -6.68 7.22
N LEU A 132 -6.92 -6.08 8.18
CA LEU A 132 -7.59 -5.21 9.16
C LEU A 132 -8.12 -3.93 8.54
N LEU A 133 -7.30 -3.28 7.73
CA LEU A 133 -7.75 -2.05 7.07
C LEU A 133 -9.02 -2.32 6.30
N THR A 134 -9.08 -3.44 5.60
CA THR A 134 -10.25 -3.74 4.77
C THR A 134 -11.43 -4.28 5.57
N VAL A 135 -11.18 -5.22 6.47
CA VAL A 135 -12.27 -5.82 7.23
C VAL A 135 -13.13 -4.76 7.86
N VAL A 136 -12.51 -3.69 8.35
CA VAL A 136 -13.27 -2.66 9.04
C VAL A 136 -14.21 -1.94 8.08
N VAL A 137 -13.83 -1.86 6.81
CA VAL A 137 -14.66 -1.11 5.84
C VAL A 137 -16.15 -1.46 5.87
N PRO A 138 -16.50 -2.76 5.74
CA PRO A 138 -17.93 -3.05 5.68
C PRO A 138 -18.65 -2.99 7.02
N ILE A 139 -17.94 -2.78 8.12
CA ILE A 139 -18.56 -2.74 9.44
C ILE A 139 -18.87 -1.33 9.90
N ILE A 140 -18.21 -0.31 9.34
CA ILE A 140 -18.44 1.06 9.79
C ILE A 140 -19.86 1.54 9.50
N PRO A 141 -20.46 1.28 8.32
CA PRO A 141 -21.87 1.65 8.13
C PRO A 141 -22.77 1.06 9.19
N SER A 142 -22.37 -0.07 9.76
CA SER A 142 -23.07 -0.67 10.88
C SER A 142 -22.48 -0.17 12.20
N VAL A 227 -18.37 7.71 8.86
CA VAL A 227 -18.63 8.09 7.48
C VAL A 227 -17.90 9.38 7.16
N GLY A 228 -17.39 10.04 8.20
CA GLY A 228 -16.67 11.29 8.04
C GLY A 228 -15.21 11.09 7.73
N LEU A 229 -14.35 11.74 8.50
CA LEU A 229 -12.91 11.60 8.32
C LEU A 229 -12.37 10.26 8.81
N LEU A 230 -13.24 9.38 9.32
CA LEU A 230 -12.76 8.11 9.86
C LEU A 230 -12.14 7.24 8.78
N PHE A 231 -12.69 7.25 7.57
CA PHE A 231 -12.16 6.40 6.51
C PHE A 231 -10.72 6.72 6.16
N ALA A 232 -10.29 7.98 6.31
CA ALA A 232 -8.93 8.36 5.99
C ALA A 232 -8.10 8.72 7.21
N SER A 233 -8.66 8.60 8.43
CA SER A 233 -7.87 8.85 9.62
C SER A 233 -6.63 7.97 9.68
N LYS A 234 -6.79 6.67 9.42
CA LYS A 234 -5.64 5.77 9.45
C LYS A 234 -4.59 6.20 8.44
N ALA A 235 -5.02 6.49 7.21
CA ALA A 235 -4.07 6.81 6.16
C ALA A 235 -3.32 8.09 6.46
N THR A 236 -4.03 9.13 6.94
CA THR A 236 -3.32 10.38 7.21
C THR A 236 -2.43 10.27 8.44
N VAL A 237 -2.83 9.47 9.44
CA VAL A 237 -1.94 9.28 10.59
C VAL A 237 -0.69 8.53 10.18
N GLN A 238 -0.83 7.55 9.28
CA GLN A 238 0.34 6.86 8.76
C GLN A 238 1.22 7.80 7.96
N LEU A 239 0.61 8.70 7.18
CA LEU A 239 1.38 9.69 6.43
C LEU A 239 2.14 10.60 7.37
N ILE A 240 1.56 10.91 8.53
CA ILE A 240 2.26 11.75 9.51
C ILE A 240 3.42 10.98 10.13
N THR A 241 3.18 9.75 10.58
CA THR A 241 4.12 9.01 11.39
C THR A 241 5.06 8.11 10.61
N ASN A 242 5.06 8.20 9.28
CA ASN A 242 6.05 7.46 8.51
C ASN A 242 7.46 7.99 8.68
N PRO A 243 7.77 9.27 8.46
CA PRO A 243 9.16 9.72 8.58
C PRO A 243 9.74 9.52 9.95
N PHE A 244 8.90 9.52 10.99
CA PHE A 244 9.41 9.29 12.33
C PHE A 244 9.95 7.88 12.48
N ILE A 245 9.22 6.88 11.95
CA ILE A 245 9.77 5.53 11.95
C ILE A 245 10.98 5.44 11.03
N GLY A 246 10.98 6.21 9.95
CA GLY A 246 12.13 6.23 9.07
C GLY A 246 13.39 6.65 9.79
N LEU A 247 13.29 7.69 10.62
CA LEU A 247 14.43 8.13 11.42
C LEU A 247 14.67 7.27 12.63
N LEU A 248 13.66 6.53 13.10
CA LEU A 248 13.82 5.71 14.30
C LEU A 248 14.50 4.38 14.00
N THR A 249 14.25 3.83 12.81
CA THR A 249 14.89 2.56 12.45
C THR A 249 16.39 2.72 12.36
N ASN A 250 16.87 3.92 12.08
CA ASN A 250 18.30 4.22 12.04
C ASN A 250 18.87 4.47 13.43
N ARG A 251 18.04 4.55 14.45
CA ARG A 251 18.50 4.85 15.80
C ARG A 251 18.35 3.70 16.77
N ILE A 252 17.41 2.78 16.54
CA ILE A 252 17.25 1.64 17.44
C ILE A 252 17.25 0.30 16.73
N GLY A 253 17.33 0.25 15.41
CA GLY A 253 17.28 -0.99 14.67
C GLY A 253 15.91 -1.25 14.08
N TYR A 254 15.83 -2.33 13.32
CA TYR A 254 14.58 -2.73 12.69
C TYR A 254 13.66 -3.57 13.58
N PRO A 255 14.20 -4.56 14.29
CA PRO A 255 13.34 -5.42 15.10
C PRO A 255 12.41 -4.64 16.03
N ILE A 256 12.95 -3.86 16.94
CA ILE A 256 12.09 -3.17 17.88
C ILE A 256 10.98 -2.36 17.20
N PRO A 257 11.31 -1.59 16.13
CA PRO A 257 10.21 -0.88 15.49
C PRO A 257 9.49 -1.67 14.42
N ILE A 258 9.54 -3.00 14.43
CA ILE A 258 8.75 -3.80 13.49
C ILE A 258 7.94 -4.67 14.38
N PHE A 259 8.39 -4.80 15.62
CA PHE A 259 7.67 -5.60 16.58
C PHE A 259 6.67 -4.73 17.26
N ALA A 260 6.91 -3.42 17.24
CA ALA A 260 5.97 -2.48 17.84
C ALA A 260 4.74 -2.45 16.98
N GLY A 261 4.78 -3.12 15.84
CA GLY A 261 3.63 -3.19 14.97
C GLY A 261 2.63 -4.12 15.59
N PHE A 262 3.07 -5.31 15.98
CA PHE A 262 2.18 -6.27 16.61
C PHE A 262 1.60 -5.71 17.89
N CYS A 263 2.43 -5.09 18.71
CA CYS A 263 1.96 -4.59 20.00
C CYS A 263 0.93 -3.50 19.82
N ILE A 264 0.93 -2.82 18.68
CA ILE A 264 0.00 -1.71 18.48
C ILE A 264 -1.20 -2.12 17.65
N MET A 265 -0.98 -2.83 16.56
CA MET A 265 -2.10 -3.30 15.74
C MET A 265 -2.98 -4.26 16.54
N PHE A 266 -2.38 -5.05 17.41
CA PHE A 266 -3.17 -5.92 18.25
C PHE A 266 -4.07 -5.10 19.17
N VAL A 267 -3.59 -3.96 19.64
CA VAL A 267 -4.44 -3.08 20.45
C VAL A 267 -5.58 -2.51 19.63
N SER A 268 -5.31 -2.19 18.37
CA SER A 268 -6.37 -1.71 17.49
C SER A 268 -7.40 -2.80 17.24
N THR A 269 -6.94 -4.00 16.90
CA THR A 269 -7.89 -5.04 16.57
C THR A 269 -8.76 -5.34 17.76
N ILE A 270 -8.27 -5.03 18.96
CA ILE A 270 -9.16 -5.21 20.12
C ILE A 270 -10.06 -3.99 20.30
N MET A 271 -9.50 -2.79 20.15
CA MET A 271 -10.31 -1.58 20.27
C MET A 271 -11.42 -1.54 19.25
N PHE A 272 -11.21 -2.04 18.05
CA PHE A 272 -12.32 -2.11 17.10
C PHE A 272 -13.31 -3.17 17.58
N ALA A 273 -12.81 -4.30 18.06
CA ALA A 273 -13.73 -5.31 18.55
C ALA A 273 -14.66 -4.77 19.63
N PHE A 274 -14.23 -3.78 20.39
CA PHE A 274 -15.05 -3.27 21.49
C PHE A 274 -15.29 -1.76 21.34
N SER A 275 -15.73 -1.35 20.15
CA SER A 275 -15.99 0.05 19.85
C SER A 275 -17.48 0.33 19.90
N SER A 276 -17.86 1.39 20.61
CA SER A 276 -19.25 1.82 20.70
C SER A 276 -19.48 3.22 20.16
N SER A 277 -18.65 4.18 20.54
CA SER A 277 -18.79 5.57 20.11
C SER A 277 -17.88 5.87 18.93
N TYR A 278 -18.09 7.05 18.35
CA TYR A 278 -17.26 7.46 17.22
C TYR A 278 -15.83 7.77 17.65
N ALA A 279 -15.66 8.31 18.86
CA ALA A 279 -14.31 8.64 19.32
C ALA A 279 -13.46 7.40 19.48
N PHE A 280 -14.03 6.33 20.04
CA PHE A 280 -13.30 5.08 20.17
C PHE A 280 -12.92 4.53 18.80
N LEU A 281 -13.85 4.60 17.85
CA LEU A 281 -13.56 4.12 16.50
C LEU A 281 -12.42 4.92 15.87
N LEU A 282 -12.44 6.24 16.06
CA LEU A 282 -11.41 7.08 15.45
C LEU A 282 -10.05 6.83 16.07
N ILE A 283 -10.00 6.70 17.40
CA ILE A 283 -8.71 6.44 18.03
C ILE A 283 -8.22 5.03 17.68
N ALA A 284 -9.13 4.09 17.48
CA ALA A 284 -8.73 2.75 17.04
C ALA A 284 -8.16 2.79 15.64
N ARG A 285 -8.79 3.53 14.73
CA ARG A 285 -8.27 3.65 13.38
C ARG A 285 -6.94 4.38 13.36
N SER A 286 -6.75 5.36 14.25
CA SER A 286 -5.46 6.05 14.32
C SER A 286 -4.36 5.11 14.84
N LEU A 287 -4.68 4.30 15.85
CA LEU A 287 -3.70 3.33 16.32
C LEU A 287 -3.37 2.31 15.24
N GLN A 288 -4.35 1.93 14.45
CA GLN A 288 -4.06 1.05 13.34
C GLN A 288 -3.10 1.76 12.44
N GLY A 289 -3.40 3.01 12.13
CA GLY A 289 -2.53 3.74 11.23
C GLY A 289 -1.08 3.74 11.66
N ILE A 290 -0.84 4.01 12.95
CA ILE A 290 0.52 3.96 13.45
C ILE A 290 1.09 2.55 13.33
N GLY A 291 0.27 1.54 13.55
CA GLY A 291 0.74 0.17 13.39
C GLY A 291 1.10 -0.16 11.97
N SER A 292 0.24 0.23 11.02
CA SER A 292 0.54 0.00 9.62
C SER A 292 1.81 0.73 9.21
N SER A 293 2.04 1.92 9.74
CA SER A 293 3.27 2.61 9.44
C SER A 293 4.40 1.75 9.92
N CYS A 294 4.49 1.59 11.22
CA CYS A 294 5.60 0.82 11.77
C CYS A 294 5.86 -0.42 10.93
N SER A 295 4.82 -1.22 10.72
CA SER A 295 4.98 -2.49 10.01
C SER A 295 5.54 -2.27 8.61
N SER A 296 4.89 -1.43 7.82
CA SER A 296 5.32 -1.24 6.44
C SER A 296 6.73 -0.70 6.35
N VAL A 297 7.01 0.41 7.05
CA VAL A 297 8.32 1.05 6.92
C VAL A 297 9.42 0.15 7.45
N ALA A 298 9.28 -0.33 8.69
CA ALA A 298 10.32 -1.16 9.28
C ALA A 298 10.49 -2.48 8.52
N GLY A 299 9.39 -3.07 8.04
CA GLY A 299 9.50 -4.34 7.34
C GLY A 299 10.15 -4.19 5.98
N MET A 300 9.77 -3.16 5.22
CA MET A 300 10.41 -2.94 3.93
C MET A 300 11.87 -2.56 4.12
N GLY A 301 12.18 -1.77 5.14
CA GLY A 301 13.57 -1.46 5.42
C GLY A 301 14.38 -2.69 5.78
N MET A 302 13.80 -3.60 6.57
CA MET A 302 14.50 -4.81 6.92
C MET A 302 14.68 -5.72 5.72
N LEU A 303 13.65 -5.83 4.87
CA LEU A 303 13.78 -6.63 3.66
C LEU A 303 14.86 -6.06 2.75
N ALA A 304 14.99 -4.73 2.71
CA ALA A 304 16.04 -4.13 1.90
C ALA A 304 17.41 -4.34 2.51
N SER A 305 17.51 -4.32 3.83
CA SER A 305 18.81 -4.47 4.49
C SER A 305 19.27 -5.91 4.53
N VAL A 306 18.35 -6.85 4.40
CA VAL A 306 18.72 -8.27 4.45
C VAL A 306 19.09 -8.78 3.06
N TYR A 307 18.19 -8.58 2.09
CA TYR A 307 18.45 -8.98 0.71
C TYR A 307 19.22 -7.87 0.02
N THR A 308 20.54 -7.95 0.11
CA THR A 308 21.41 -6.87 -0.35
C THR A 308 21.69 -6.90 -1.84
N ASP A 309 21.26 -7.94 -2.55
CA ASP A 309 21.45 -8.00 -3.99
C ASP A 309 20.21 -7.45 -4.69
N ASP A 310 20.43 -6.64 -5.73
CA ASP A 310 19.33 -5.97 -6.40
C ASP A 310 18.38 -6.99 -7.04
N GLU A 311 18.93 -7.99 -7.72
CA GLU A 311 18.09 -8.98 -8.37
C GLU A 311 17.18 -9.70 -7.37
N GLU A 312 17.74 -10.11 -6.23
CA GLU A 312 16.92 -10.78 -5.24
C GLU A 312 16.00 -9.80 -4.51
N ARG A 313 16.45 -8.56 -4.32
CA ARG A 313 15.60 -7.57 -3.68
C ARG A 313 14.36 -7.30 -4.51
N GLY A 314 14.48 -7.38 -5.83
CA GLY A 314 13.32 -7.27 -6.69
C GLY A 314 12.25 -8.27 -6.32
N ASN A 315 12.60 -9.56 -6.32
CA ASN A 315 11.64 -10.60 -6.01
C ASN A 315 11.12 -10.48 -4.59
N VAL A 316 11.97 -10.05 -3.64
CA VAL A 316 11.53 -9.98 -2.26
C VAL A 316 10.51 -8.86 -2.08
N MET A 317 10.79 -7.67 -2.62
CA MET A 317 9.82 -6.59 -2.56
C MET A 317 8.54 -6.96 -3.31
N GLY A 318 8.68 -7.68 -4.43
CA GLY A 318 7.49 -8.17 -5.11
C GLY A 318 6.66 -9.07 -4.23
N ILE A 319 7.30 -9.95 -3.46
CA ILE A 319 6.56 -10.88 -2.61
C ILE A 319 5.90 -10.14 -1.45
N ALA A 320 6.57 -9.13 -0.90
CA ALA A 320 5.97 -8.37 0.19
C ALA A 320 4.75 -7.58 -0.30
N LEU A 321 4.88 -6.94 -1.46
CA LEU A 321 3.72 -6.25 -2.01
C LEU A 321 2.63 -7.24 -2.42
N GLY A 322 3.01 -8.46 -2.78
CA GLY A 322 2.01 -9.49 -2.98
C GLY A 322 1.29 -9.83 -1.70
N GLY A 323 1.99 -9.77 -0.57
CA GLY A 323 1.32 -9.91 0.71
C GLY A 323 0.32 -8.79 0.95
N LEU A 324 0.72 -7.55 0.67
CA LEU A 324 -0.23 -6.44 0.74
C LEU A 324 -1.48 -6.72 -0.11
N ALA A 325 -1.27 -7.08 -1.38
CA ALA A 325 -2.38 -7.29 -2.30
C ALA A 325 -3.27 -8.45 -1.86
N MET A 326 -2.65 -9.55 -1.42
CA MET A 326 -3.42 -10.70 -0.96
C MET A 326 -4.24 -10.36 0.26
N GLY A 327 -3.66 -9.61 1.20
CA GLY A 327 -4.43 -9.18 2.35
C GLY A 327 -5.63 -8.33 1.96
N VAL A 328 -5.43 -7.42 1.00
CA VAL A 328 -6.55 -6.61 0.52
C VAL A 328 -7.59 -7.48 -0.19
N LEU A 329 -7.15 -8.53 -0.87
CA LEU A 329 -8.04 -9.36 -1.65
C LEU A 329 -8.92 -10.24 -0.77
N VAL A 330 -8.35 -10.85 0.26
CA VAL A 330 -9.09 -11.78 1.11
C VAL A 330 -9.61 -11.06 2.34
N GLY A 331 -9.64 -9.73 2.30
CA GLY A 331 -10.12 -8.94 3.41
C GLY A 331 -11.62 -8.86 3.50
N PRO A 332 -12.25 -8.26 2.50
CA PRO A 332 -13.71 -8.09 2.52
C PRO A 332 -14.45 -9.41 2.61
N PRO A 333 -13.99 -10.43 1.88
CA PRO A 333 -14.66 -11.71 2.09
C PRO A 333 -14.62 -12.10 3.55
N PHE A 334 -13.42 -12.30 4.08
CA PHE A 334 -13.28 -12.74 5.45
C PHE A 334 -14.20 -11.99 6.37
N GLY A 335 -14.09 -10.68 6.36
CA GLY A 335 -14.90 -9.90 7.29
C GLY A 335 -16.37 -10.15 7.14
N SER A 336 -16.88 -10.01 5.93
CA SER A 336 -18.30 -10.16 5.74
C SER A 336 -18.72 -11.53 6.19
N VAL A 337 -18.09 -12.55 5.64
CA VAL A 337 -18.48 -13.89 5.97
C VAL A 337 -18.67 -14.01 7.46
N LEU A 338 -17.66 -13.62 8.20
CA LEU A 338 -17.73 -13.80 9.66
C LEU A 338 -18.76 -12.85 10.28
N TYR A 339 -18.92 -11.66 9.70
CA TYR A 339 -19.87 -10.70 10.25
C TYR A 339 -21.30 -11.19 10.08
N GLU A 340 -21.58 -11.87 8.96
CA GLU A 340 -22.93 -12.39 8.73
C GLU A 340 -23.16 -13.67 9.51
N PHE A 341 -22.12 -14.49 9.70
CA PHE A 341 -22.30 -15.79 10.32
C PHE A 341 -22.22 -15.77 11.84
N VAL A 342 -21.45 -14.84 12.42
CA VAL A 342 -21.27 -14.84 13.87
C VAL A 342 -21.70 -13.51 14.47
N GLY A 343 -21.05 -12.42 14.06
CA GLY A 343 -21.37 -11.12 14.60
C GLY A 343 -20.32 -10.10 14.21
N LYS A 344 -20.46 -8.91 14.79
CA LYS A 344 -19.56 -7.80 14.49
C LYS A 344 -18.24 -7.90 15.22
N THR A 345 -18.06 -8.92 16.07
CA THR A 345 -16.81 -9.10 16.79
C THR A 345 -16.03 -10.33 16.37
N ALA A 346 -16.58 -11.16 15.49
CA ALA A 346 -15.83 -12.32 15.01
C ALA A 346 -14.59 -11.95 14.22
N PRO A 347 -14.67 -11.10 13.17
CA PRO A 347 -13.45 -10.83 12.39
C PRO A 347 -12.35 -10.20 13.23
N PHE A 348 -12.71 -9.28 14.12
CA PHE A 348 -11.68 -8.58 14.88
C PHE A 348 -11.01 -9.51 15.88
N LEU A 349 -11.77 -10.41 16.51
CA LEU A 349 -11.14 -11.33 17.45
C LEU A 349 -10.30 -12.38 16.73
N VAL A 350 -10.76 -12.86 15.57
CA VAL A 350 -9.94 -13.80 14.82
C VAL A 350 -8.64 -13.14 14.36
N LEU A 351 -8.72 -11.89 13.89
CA LEU A 351 -7.50 -11.21 13.50
C LEU A 351 -6.63 -10.87 14.70
N ALA A 352 -7.23 -10.68 15.88
CA ALA A 352 -6.43 -10.54 17.09
C ALA A 352 -5.61 -11.80 17.34
N ALA A 353 -6.25 -12.96 17.25
CA ALA A 353 -5.52 -14.21 17.40
C ALA A 353 -4.43 -14.34 16.34
N LEU A 354 -4.73 -13.94 15.11
CA LEU A 354 -3.75 -14.09 14.03
C LEU A 354 -2.55 -13.17 14.23
N VAL A 355 -2.78 -11.91 14.59
CA VAL A 355 -1.64 -11.03 14.86
C VAL A 355 -0.92 -11.45 16.13
N LEU A 356 -1.59 -12.14 17.05
CA LEU A 356 -0.88 -12.68 18.21
C LEU A 356 0.08 -13.77 17.77
N LEU A 357 -0.36 -14.65 16.87
CA LEU A 357 0.56 -15.66 16.33
C LEU A 357 1.71 -15.00 15.57
N ASP A 358 1.40 -13.97 14.78
CA ASP A 358 2.45 -13.27 14.06
C ASP A 358 3.45 -12.64 15.01
N GLY A 359 2.96 -12.04 16.09
CA GLY A 359 3.86 -11.45 17.08
C GLY A 359 4.67 -12.47 17.83
N ALA A 360 4.12 -13.67 18.04
CA ALA A 360 4.92 -14.75 18.60
C ALA A 360 6.05 -15.15 17.66
N ILE A 361 5.75 -15.24 16.36
CA ILE A 361 6.79 -15.50 15.38
C ILE A 361 7.83 -14.39 15.40
N GLN A 362 7.38 -13.14 15.60
CA GLN A 362 8.31 -12.03 15.75
C GLN A 362 9.23 -12.25 16.94
N LEU A 363 8.64 -12.47 18.11
CA LEU A 363 9.45 -12.60 19.32
C LEU A 363 10.42 -13.77 19.25
N PHE A 364 10.06 -14.83 18.56
CA PHE A 364 10.93 -15.99 18.49
C PHE A 364 11.69 -16.10 17.17
N VAL A 365 11.68 -15.05 16.35
CA VAL A 365 12.51 -14.96 15.15
C VAL A 365 13.35 -13.70 15.13
N LEU A 366 12.74 -12.55 15.41
CA LEU A 366 13.44 -11.28 15.36
C LEU A 366 14.18 -10.96 16.64
N GLN A 367 13.68 -11.41 17.79
CA GLN A 367 14.28 -11.14 19.09
C GLN A 367 14.47 -9.65 19.30
N PRO A 368 13.40 -8.90 19.54
CA PRO A 368 13.54 -7.45 19.71
C PRO A 368 13.99 -7.06 21.11
N SER A 369 14.52 -8.02 21.86
CA SER A 369 14.87 -7.75 23.24
C SER A 369 16.06 -6.81 23.37
N ARG A 370 16.94 -6.78 22.37
CA ARG A 370 18.16 -5.99 22.42
C ARG A 370 18.12 -4.86 21.40
N VAL A 371 18.27 -3.63 21.88
CA VAL A 371 18.37 -2.49 20.97
C VAL A 371 19.73 -2.51 20.29
N GLN A 372 19.76 -2.12 19.02
CA GLN A 372 20.99 -2.15 18.23
C GLN A 372 20.92 -1.05 17.18
N PRO A 373 21.73 0.00 17.32
CA PRO A 373 21.78 1.04 16.29
C PRO A 373 22.42 0.53 15.01
N GLU A 374 22.19 1.27 13.93
CA GLU A 374 22.71 0.88 12.63
C GLU A 374 24.21 1.06 12.56
N SER A 375 24.80 0.54 11.48
CA SER A 375 26.25 0.54 11.34
C SER A 375 26.80 1.91 10.98
N GLN A 376 26.08 2.69 10.18
CA GLN A 376 26.55 4.00 9.76
C GLN A 376 25.41 5.00 9.82
N LYS A 377 25.77 6.27 9.97
CA LYS A 377 24.77 7.32 10.05
C LYS A 377 24.09 7.48 8.70
N GLY A 378 22.77 7.37 8.70
CA GLY A 378 22.00 7.44 7.47
C GLY A 378 21.85 8.85 6.96
N THR A 379 21.63 8.98 5.66
CA THR A 379 21.46 10.28 5.06
C THR A 379 20.18 10.93 5.59
N PRO A 380 20.20 12.22 5.89
CA PRO A 380 19.01 12.87 6.43
C PRO A 380 17.89 12.89 5.41
N LEU A 381 16.65 12.90 5.92
CA LEU A 381 15.49 12.82 5.04
C LEU A 381 15.42 14.01 4.09
N THR A 382 15.98 15.16 4.49
CA THR A 382 15.95 16.32 3.61
C THR A 382 16.74 16.07 2.34
N THR A 383 17.99 15.60 2.48
CA THR A 383 18.80 15.30 1.31
C THR A 383 18.14 14.24 0.43
N LEU A 384 17.56 13.22 1.05
CA LEU A 384 16.87 12.19 0.27
C LEU A 384 15.75 12.81 -0.55
N LEU A 385 14.96 13.70 0.06
CA LEU A 385 13.84 14.29 -0.65
C LEU A 385 14.28 15.36 -1.65
N LYS A 386 15.52 15.84 -1.57
CA LYS A 386 16.03 16.79 -2.54
C LYS A 386 16.53 16.13 -3.81
N ASP A 387 16.73 14.82 -3.80
CA ASP A 387 17.25 14.12 -4.96
C ASP A 387 16.17 14.03 -6.03
N PRO A 388 16.55 14.16 -7.30
CA PRO A 388 15.53 14.09 -8.36
C PRO A 388 15.00 12.69 -8.59
N TYR A 389 15.84 11.67 -8.46
CA TYR A 389 15.42 10.32 -8.83
C TYR A 389 14.52 9.70 -7.76
N ILE A 390 14.88 9.89 -6.48
CA ILE A 390 13.99 9.46 -5.41
C ILE A 390 12.64 10.16 -5.53
N LEU A 391 12.66 11.44 -5.87
CA LEU A 391 11.42 12.17 -6.09
C LEU A 391 10.62 11.57 -7.24
N ILE A 392 11.30 11.20 -8.33
CA ILE A 392 10.58 10.65 -9.48
C ILE A 392 9.94 9.32 -9.13
N ALA A 393 10.66 8.44 -8.45
CA ALA A 393 10.10 7.15 -8.08
C ALA A 393 8.93 7.30 -7.11
N ALA A 394 9.11 8.12 -6.07
CA ALA A 394 8.04 8.34 -5.11
C ALA A 394 6.83 8.97 -5.80
N GLY A 395 7.07 9.87 -6.77
CA GLY A 395 5.95 10.48 -7.47
C GLY A 395 5.22 9.50 -8.34
N SER A 396 5.94 8.58 -8.97
CA SER A 396 5.27 7.53 -9.75
C SER A 396 4.36 6.69 -8.87
N ILE A 397 4.89 6.23 -7.73
CA ILE A 397 4.07 5.44 -6.82
C ILE A 397 2.87 6.25 -6.33
N CYS A 398 3.09 7.51 -6.02
CA CYS A 398 2.02 8.36 -5.53
C CYS A 398 0.92 8.50 -6.54
N PHE A 399 1.29 8.84 -7.75
CA PHE A 399 0.27 9.07 -8.78
C PHE A 399 -0.50 7.80 -9.08
N ALA A 400 0.18 6.65 -9.19
CA ALA A 400 -0.51 5.40 -9.43
C ALA A 400 -1.52 5.11 -8.32
N ASN A 401 -1.08 5.18 -7.07
CA ASN A 401 -1.98 4.82 -5.98
C ASN A 401 -3.06 5.87 -5.77
N MET A 402 -2.80 7.14 -6.11
CA MET A 402 -3.85 8.14 -6.03
C MET A 402 -4.92 7.87 -7.08
N GLY A 403 -4.51 7.47 -8.28
CA GLY A 403 -5.49 7.06 -9.27
C GLY A 403 -6.37 5.92 -8.76
N ILE A 404 -5.79 4.89 -8.17
CA ILE A 404 -6.65 3.84 -7.70
C ILE A 404 -7.56 4.33 -6.61
N ALA A 405 -7.00 5.03 -5.64
CA ALA A 405 -7.80 5.43 -4.49
C ALA A 405 -8.82 6.50 -4.82
N MET A 406 -8.72 7.13 -5.99
CA MET A 406 -9.80 7.97 -6.47
C MET A 406 -10.83 7.16 -7.24
N LEU A 407 -10.39 6.11 -7.94
CA LEU A 407 -11.33 5.27 -8.66
C LEU A 407 -12.22 4.49 -7.70
N GLU A 408 -11.64 3.86 -6.69
CA GLU A 408 -12.39 2.89 -5.90
C GLU A 408 -13.63 3.45 -5.20
N PRO A 409 -13.52 4.50 -4.38
CA PRO A 409 -14.70 4.96 -3.64
C PRO A 409 -15.62 5.90 -4.42
N ALA A 410 -15.38 6.08 -5.73
CA ALA A 410 -16.22 6.93 -6.55
C ALA A 410 -16.80 6.20 -7.76
N LEU A 411 -16.41 4.95 -7.99
CA LEU A 411 -16.97 4.16 -9.09
C LEU A 411 -18.36 3.62 -8.73
N PRO A 412 -18.58 3.14 -7.50
CA PRO A 412 -19.97 2.80 -7.12
C PRO A 412 -20.93 3.97 -7.25
N ILE A 413 -20.46 5.20 -7.01
CA ILE A 413 -21.32 6.36 -7.17
C ILE A 413 -21.75 6.53 -8.61
N TRP A 414 -20.78 6.54 -9.53
CA TRP A 414 -21.12 6.67 -10.95
C TRP A 414 -21.87 5.45 -11.47
N MET A 415 -21.78 4.32 -10.78
CA MET A 415 -22.45 3.11 -11.27
C MET A 415 -23.95 3.14 -10.97
N MET A 416 -24.31 3.55 -9.75
CA MET A 416 -25.70 3.53 -9.31
C MET A 416 -26.57 4.57 -10.00
N GLU A 417 -26.02 5.37 -10.91
CA GLU A 417 -26.80 6.38 -11.60
C GLU A 417 -26.78 6.25 -13.11
N THR A 418 -25.89 5.45 -13.67
CA THR A 418 -25.89 5.25 -15.12
C THR A 418 -26.10 3.80 -15.52
N MET A 419 -25.53 2.85 -14.76
CA MET A 419 -25.64 1.44 -15.10
C MET A 419 -26.83 0.75 -14.44
N CYS A 420 -27.33 1.30 -13.34
CA CYS A 420 -28.42 0.69 -12.57
C CYS A 420 -28.09 -0.76 -12.22
N SER A 421 -26.84 -0.96 -11.81
CA SER A 421 -26.38 -2.30 -11.45
C SER A 421 -27.04 -2.75 -10.16
N ARG A 422 -27.00 -4.07 -9.94
CA ARG A 422 -27.58 -4.64 -8.73
C ARG A 422 -26.67 -4.39 -7.53
N LYS A 423 -27.18 -4.72 -6.35
CA LYS A 423 -26.46 -4.40 -5.11
C LYS A 423 -25.12 -5.11 -5.05
N TRP A 424 -25.10 -6.42 -5.30
CA TRP A 424 -23.86 -7.17 -5.24
C TRP A 424 -22.92 -6.87 -6.41
N GLN A 425 -23.42 -6.21 -7.46
CA GLN A 425 -22.56 -5.88 -8.58
C GLN A 425 -21.45 -4.91 -8.18
N LEU A 426 -21.71 -4.05 -7.19
CA LEU A 426 -20.68 -3.11 -6.75
C LEU A 426 -19.52 -3.82 -6.07
N GLY A 427 -19.75 -5.03 -5.56
CA GLY A 427 -18.66 -5.76 -4.93
C GLY A 427 -17.72 -6.39 -5.96
N VAL A 428 -18.27 -7.00 -7.00
CA VAL A 428 -17.46 -7.61 -8.05
C VAL A 428 -16.88 -6.57 -8.99
N ALA A 429 -17.37 -5.32 -8.93
CA ALA A 429 -16.89 -4.28 -9.83
C ALA A 429 -15.42 -3.96 -9.67
N PHE A 430 -14.79 -4.36 -8.57
CA PHE A 430 -13.38 -4.07 -8.33
C PHE A 430 -12.52 -5.28 -8.02
N LEU A 431 -13.11 -6.43 -7.72
CA LEU A 431 -12.35 -7.65 -7.44
C LEU A 431 -11.33 -7.97 -8.54
N PRO A 432 -11.63 -7.73 -9.82
CA PRO A 432 -10.57 -7.87 -10.83
C PRO A 432 -9.35 -7.03 -10.53
N ALA A 433 -9.51 -5.83 -10.00
CA ALA A 433 -8.36 -4.98 -9.71
C ALA A 433 -7.47 -5.62 -8.65
N SER A 434 -8.06 -6.12 -7.57
CA SER A 434 -7.25 -6.78 -6.57
C SER A 434 -6.57 -8.00 -7.17
N ILE A 435 -7.34 -8.91 -7.77
CA ILE A 435 -6.73 -10.13 -8.28
C ILE A 435 -5.57 -9.80 -9.21
N SER A 436 -5.77 -8.80 -10.07
CA SER A 436 -4.74 -8.45 -11.02
C SER A 436 -3.55 -7.82 -10.32
N TYR A 437 -3.79 -7.06 -9.27
CA TYR A 437 -2.68 -6.49 -8.51
C TYR A 437 -1.87 -7.59 -7.84
N LEU A 438 -2.56 -8.61 -7.30
CA LEU A 438 -1.84 -9.75 -6.75
C LEU A 438 -0.95 -10.40 -7.81
N ILE A 439 -1.54 -10.73 -8.97
CA ILE A 439 -0.76 -11.34 -10.05
C ILE A 439 0.41 -10.45 -10.45
N GLY A 440 0.13 -9.18 -10.72
CA GLY A 440 1.15 -8.30 -11.24
C GLY A 440 2.29 -8.06 -10.27
N THR A 441 1.98 -7.82 -9.00
CA THR A 441 3.03 -7.54 -8.05
C THR A 441 3.71 -8.80 -7.52
N ASN A 442 3.18 -9.99 -7.78
CA ASN A 442 3.94 -11.19 -7.49
C ASN A 442 4.81 -11.65 -8.64
N ILE A 443 4.45 -11.32 -9.89
CA ILE A 443 5.28 -11.73 -11.02
C ILE A 443 6.24 -10.65 -11.50
N PHE A 444 5.93 -9.38 -11.29
CA PHE A 444 6.76 -8.34 -11.87
C PHE A 444 7.95 -7.99 -11.00
N GLY A 445 7.88 -8.23 -9.69
CA GLY A 445 9.09 -8.17 -8.90
C GLY A 445 10.20 -9.02 -9.48
N ILE A 446 9.82 -10.09 -10.18
CA ILE A 446 10.78 -10.94 -10.88
C ILE A 446 11.04 -10.41 -12.28
N LEU A 447 9.98 -10.10 -13.03
CA LEU A 447 10.15 -9.76 -14.44
C LEU A 447 10.82 -8.41 -14.64
N ALA A 448 10.84 -7.54 -13.63
CA ALA A 448 11.28 -6.17 -13.83
C ALA A 448 12.79 -6.09 -14.01
N HIS A 449 13.55 -6.75 -13.13
CA HIS A 449 15.00 -6.69 -13.25
C HIS A 449 15.49 -7.34 -14.53
N LYS A 450 14.69 -8.22 -15.11
CA LYS A 450 15.00 -8.72 -16.45
C LYS A 450 14.69 -7.67 -17.50
N MET A 451 13.46 -7.17 -17.50
CA MET A 451 13.05 -6.20 -18.51
C MET A 451 13.79 -4.88 -18.35
N GLY A 452 14.08 -4.50 -17.11
CA GLY A 452 14.64 -3.19 -16.82
C GLY A 452 13.64 -2.35 -16.05
N ARG A 453 14.00 -1.99 -14.81
CA ARG A 453 13.01 -1.40 -13.91
C ARG A 453 12.44 -0.10 -14.47
N TRP A 454 13.28 0.71 -15.11
CA TRP A 454 12.78 1.95 -15.71
C TRP A 454 11.73 1.65 -16.77
N LEU A 455 11.98 0.67 -17.62
CA LEU A 455 11.03 0.33 -18.68
C LEU A 455 9.75 -0.21 -18.08
N CYS A 456 9.86 -1.04 -17.04
CA CYS A 456 8.67 -1.59 -16.40
C CYS A 456 7.83 -0.49 -15.79
N ALA A 457 8.47 0.47 -15.12
CA ALA A 457 7.70 1.56 -14.52
C ALA A 457 7.06 2.45 -15.58
N LEU A 458 7.78 2.75 -16.65
CA LEU A 458 7.22 3.56 -17.73
C LEU A 458 6.00 2.88 -18.33
N LEU A 459 6.14 1.62 -18.70
CA LEU A 459 5.04 0.89 -19.30
C LEU A 459 3.95 0.72 -18.26
N GLY A 460 4.35 0.59 -17.01
CA GLY A 460 3.37 0.46 -15.96
C GLY A 460 2.43 1.63 -15.87
N MET A 461 2.97 2.83 -15.86
CA MET A 461 2.14 4.02 -15.76
C MET A 461 1.31 4.27 -17.01
N ILE A 462 1.89 4.08 -18.19
CA ILE A 462 1.09 4.25 -19.39
C ILE A 462 -0.13 3.37 -19.26
N ILE A 463 0.06 2.08 -18.99
CA ILE A 463 -1.08 1.15 -18.86
C ILE A 463 -2.07 1.66 -17.84
N VAL A 464 -1.61 2.14 -16.70
CA VAL A 464 -2.51 2.75 -15.74
C VAL A 464 -3.31 3.86 -16.39
N GLY A 465 -2.62 4.73 -17.13
CA GLY A 465 -3.30 5.85 -17.77
C GLY A 465 -4.29 5.39 -18.81
N VAL A 466 -3.87 4.53 -19.73
CA VAL A 466 -4.75 4.12 -20.81
C VAL A 466 -5.85 3.19 -20.34
N SER A 467 -5.83 2.80 -19.08
CA SER A 467 -6.93 1.99 -18.59
C SER A 467 -7.92 2.86 -17.82
N ILE A 468 -7.41 3.68 -16.91
CA ILE A 468 -8.27 4.57 -16.15
C ILE A 468 -9.00 5.47 -17.11
N LEU A 469 -8.33 5.87 -18.18
CA LEU A 469 -8.97 6.71 -19.18
C LEU A 469 -10.08 5.96 -19.86
N CYS A 470 -10.02 4.64 -19.89
CA CYS A 470 -11.02 3.86 -20.61
C CYS A 470 -12.22 3.47 -19.74
N ILE A 471 -12.16 3.71 -18.44
CA ILE A 471 -13.27 3.39 -17.55
C ILE A 471 -14.52 4.17 -17.92
N PRO A 472 -14.46 5.51 -18.10
CA PRO A 472 -15.70 6.24 -18.38
C PRO A 472 -16.37 5.84 -19.68
N PHE A 473 -15.65 5.21 -20.60
CA PHE A 473 -16.27 4.79 -21.84
C PHE A 473 -17.09 3.52 -21.70
N ALA A 474 -16.98 2.82 -20.58
CA ALA A 474 -17.73 1.58 -20.37
C ALA A 474 -19.13 1.90 -19.86
N LYS A 475 -20.12 1.22 -20.44
CA LYS A 475 -21.51 1.48 -20.13
C LYS A 475 -22.13 0.44 -19.21
N ASN A 476 -21.70 -0.81 -19.29
CA ASN A 476 -22.27 -1.90 -18.51
C ASN A 476 -21.17 -2.58 -17.70
N ILE A 477 -21.60 -3.31 -16.66
CA ILE A 477 -20.64 -3.96 -15.76
C ILE A 477 -19.75 -4.92 -16.52
N TYR A 478 -20.26 -5.56 -17.57
CA TYR A 478 -19.42 -6.47 -18.36
C TYR A 478 -18.27 -5.71 -19.00
N GLY A 479 -18.53 -4.53 -19.54
CA GLY A 479 -17.50 -3.72 -20.13
C GLY A 479 -16.62 -2.98 -19.15
N LEU A 480 -16.91 -3.07 -17.87
CA LEU A 480 -16.10 -2.44 -16.84
C LEU A 480 -14.98 -3.34 -16.34
N ILE A 481 -14.95 -4.61 -16.76
CA ILE A 481 -13.99 -5.56 -16.21
C ILE A 481 -12.60 -5.31 -16.79
N ALA A 482 -12.49 -5.38 -18.11
CA ALA A 482 -11.17 -5.29 -18.77
C ALA A 482 -10.38 -4.05 -18.37
N PRO A 483 -10.93 -2.83 -18.39
CA PRO A 483 -10.12 -1.68 -17.96
C PRO A 483 -9.74 -1.74 -16.50
N ASN A 484 -10.61 -2.27 -15.64
CA ASN A 484 -10.25 -2.42 -14.23
C ASN A 484 -9.11 -3.42 -14.05
N PHE A 485 -9.17 -4.53 -14.81
CA PHE A 485 -8.09 -5.49 -14.79
C PHE A 485 -6.79 -4.84 -15.21
N GLY A 486 -6.82 -4.08 -16.30
CA GLY A 486 -5.61 -3.40 -16.75
C GLY A 486 -5.10 -2.43 -15.71
N VAL A 487 -6.01 -1.71 -15.03
CA VAL A 487 -5.61 -0.78 -13.99
C VAL A 487 -4.84 -1.52 -12.89
N GLY A 488 -5.41 -2.61 -12.38
CA GLY A 488 -4.74 -3.34 -11.32
C GLY A 488 -3.41 -3.92 -11.76
N PHE A 489 -3.39 -4.54 -12.94
CA PHE A 489 -2.17 -5.13 -13.47
C PHE A 489 -1.06 -4.09 -13.58
N ALA A 490 -1.41 -2.90 -14.07
CA ALA A 490 -0.39 -1.87 -14.24
C ALA A 490 0.03 -1.24 -12.91
N ILE A 491 -0.88 -1.10 -11.95
CA ILE A 491 -0.47 -0.61 -10.64
C ILE A 491 0.53 -1.57 -10.02
N GLY A 492 0.30 -2.88 -10.17
CA GLY A 492 1.30 -3.83 -9.72
C GLY A 492 2.61 -3.68 -10.47
N MET A 493 2.52 -3.57 -11.79
CA MET A 493 3.70 -3.34 -12.62
C MET A 493 4.53 -2.19 -12.10
N VAL A 494 3.87 -1.12 -11.65
CA VAL A 494 4.59 0.06 -11.21
C VAL A 494 5.15 -0.14 -9.80
N ASP A 495 4.37 -0.72 -8.89
CA ASP A 495 4.79 -0.80 -7.50
C ASP A 495 5.93 -1.79 -7.32
N SER A 496 5.83 -2.98 -7.90
CA SER A 496 6.87 -3.96 -7.70
C SER A 496 8.15 -3.53 -8.36
N SER A 497 8.06 -2.57 -9.27
CA SER A 497 9.23 -2.13 -10.02
C SER A 497 9.84 -0.89 -9.46
N MET A 498 9.10 -0.11 -8.69
CA MET A 498 9.67 1.07 -8.06
C MET A 498 10.05 0.81 -6.60
N MET A 499 9.56 -0.28 -6.00
CA MET A 499 9.98 -0.50 -4.62
C MET A 499 11.43 -0.97 -4.51
N PRO A 500 11.93 -1.85 -5.39
CA PRO A 500 13.37 -2.15 -5.33
C PRO A 500 14.22 -0.94 -5.68
N ILE A 501 13.74 -0.09 -6.59
CA ILE A 501 14.57 0.98 -7.09
C ILE A 501 14.85 2.03 -6.04
N MET A 502 14.03 2.11 -4.99
CA MET A 502 14.32 3.02 -3.90
C MET A 502 15.62 2.63 -3.20
N GLY A 503 15.68 1.41 -2.69
CA GLY A 503 16.91 0.92 -2.10
C GLY A 503 18.06 0.87 -3.08
N TYR A 504 17.78 0.64 -4.36
CA TYR A 504 18.84 0.66 -5.35
C TYR A 504 19.45 2.05 -5.48
N LEU A 505 18.60 3.07 -5.58
CA LEU A 505 19.09 4.45 -5.68
C LEU A 505 19.82 4.86 -4.42
N VAL A 506 19.36 4.39 -3.27
CA VAL A 506 20.04 4.71 -2.03
C VAL A 506 21.42 4.06 -2.00
N ASP A 507 21.51 2.80 -2.44
CA ASP A 507 22.80 2.12 -2.50
C ASP A 507 23.73 2.75 -3.52
N LEU A 508 23.18 3.33 -4.59
CA LEU A 508 23.98 3.87 -5.67
C LEU A 508 24.41 5.31 -5.46
N ARG A 509 23.65 6.09 -4.69
CA ARG A 509 23.95 7.50 -4.49
C ARG A 509 24.32 7.83 -3.06
N HIS A 510 23.52 7.43 -2.10
CA HIS A 510 23.69 7.81 -0.70
C HIS A 510 24.22 6.63 0.11
N VAL A 511 24.26 6.80 1.43
CA VAL A 511 24.71 5.71 2.28
C VAL A 511 23.65 4.61 2.33
N SER A 512 24.09 3.41 2.67
CA SER A 512 23.22 2.23 2.66
C SER A 512 22.44 2.13 3.97
N VAL A 513 21.45 3.00 4.09
CA VAL A 513 20.47 2.96 5.17
C VAL A 513 19.09 3.15 4.55
N TYR A 514 18.23 2.15 4.72
CA TYR A 514 16.97 2.08 3.97
C TYR A 514 15.75 2.55 4.74
N GLY A 515 15.89 2.96 6.00
CA GLY A 515 14.72 3.38 6.75
C GLY A 515 14.06 4.60 6.14
N SER A 516 14.85 5.65 5.90
CA SER A 516 14.28 6.92 5.47
C SER A 516 13.73 6.84 4.05
N VAL A 517 14.41 6.13 3.15
CA VAL A 517 13.94 6.09 1.77
C VAL A 517 12.65 5.31 1.66
N TYR A 518 12.49 4.24 2.45
CA TYR A 518 11.23 3.52 2.38
C TYR A 518 10.14 4.20 3.20
N ALA A 519 10.52 5.05 4.17
CA ALA A 519 9.53 5.96 4.74
C ALA A 519 9.03 6.94 3.69
N ILE A 520 9.92 7.42 2.82
CA ILE A 520 9.50 8.28 1.72
C ILE A 520 8.57 7.54 0.77
N ALA A 521 8.94 6.31 0.40
CA ALA A 521 8.09 5.55 -0.53
C ALA A 521 6.74 5.23 0.09
N ASP A 522 6.70 4.97 1.40
CA ASP A 522 5.43 4.72 2.07
C ASP A 522 4.59 5.98 2.17
N VAL A 523 5.24 7.11 2.30
CA VAL A 523 4.52 8.37 2.31
C VAL A 523 3.91 8.57 0.95
N ALA A 524 4.60 8.14 -0.08
CA ALA A 524 4.05 8.22 -1.41
C ALA A 524 2.81 7.40 -1.43
N PHE A 525 2.98 6.14 -1.08
CA PHE A 525 1.82 5.26 -1.05
C PHE A 525 0.63 5.93 -0.37
N CYS A 526 0.80 6.27 0.90
CA CYS A 526 -0.32 6.66 1.75
C CYS A 526 -0.91 8.01 1.40
N MET A 527 -0.19 8.84 0.65
CA MET A 527 -0.76 10.11 0.22
C MET A 527 -2.05 9.84 -0.53
N GLY A 528 -2.04 8.85 -1.39
CA GLY A 528 -3.24 8.46 -2.10
C GLY A 528 -4.40 8.16 -1.17
N TYR A 529 -4.29 7.09 -0.38
CA TYR A 529 -5.41 6.72 0.48
C TYR A 529 -5.69 7.75 1.57
N ALA A 530 -4.89 8.80 1.67
CA ALA A 530 -5.20 9.91 2.56
C ALA A 530 -6.04 10.98 1.86
N ILE A 531 -5.56 11.50 0.74
CA ILE A 531 -6.21 12.64 0.09
C ILE A 531 -7.17 12.20 -1.00
N GLY A 532 -6.74 11.25 -1.84
CA GLY A 532 -7.44 10.85 -3.04
C GLY A 532 -8.93 10.57 -2.93
N PRO A 533 -9.37 9.76 -1.96
CA PRO A 533 -10.81 9.45 -1.89
C PRO A 533 -11.68 10.69 -1.75
N SER A 534 -11.41 11.50 -0.73
CA SER A 534 -12.21 12.70 -0.49
C SER A 534 -12.06 13.70 -1.63
N ALA A 535 -10.83 13.95 -2.07
CA ALA A 535 -10.60 14.92 -3.13
C ALA A 535 -11.26 14.48 -4.43
N GLY A 536 -11.24 13.18 -4.72
CA GLY A 536 -11.86 12.69 -5.93
C GLY A 536 -13.37 12.76 -5.87
N GLY A 537 -13.95 12.43 -4.71
CA GLY A 537 -15.38 12.66 -4.52
C GLY A 537 -15.75 14.12 -4.74
N ALA A 538 -14.97 15.03 -4.16
CA ALA A 538 -15.26 16.45 -4.32
C ALA A 538 -15.15 16.89 -5.76
N ILE A 539 -14.13 16.43 -6.48
CA ILE A 539 -13.97 16.82 -7.87
C ILE A 539 -15.08 16.22 -8.73
N ALA A 540 -15.51 15.00 -8.42
CA ALA A 540 -16.61 14.40 -9.16
C ALA A 540 -17.90 15.18 -8.94
N LYS A 541 -18.11 15.66 -7.71
CA LYS A 541 -19.27 16.51 -7.45
C LYS A 541 -19.13 17.89 -8.10
N ALA A 542 -17.90 18.34 -8.31
CA ALA A 542 -17.69 19.67 -8.90
C ALA A 542 -17.88 19.64 -10.41
N ILE A 543 -17.07 18.87 -11.12
CA ILE A 543 -17.15 18.83 -12.57
C ILE A 543 -17.83 17.54 -13.03
N GLY A 544 -17.29 16.39 -12.63
CA GLY A 544 -17.86 15.13 -13.03
C GLY A 544 -16.90 13.96 -12.93
N PHE A 545 -17.43 12.77 -12.62
CA PHE A 545 -16.59 11.59 -12.50
C PHE A 545 -15.87 11.23 -13.80
N PRO A 546 -16.51 11.21 -14.97
CA PRO A 546 -15.75 10.93 -16.20
C PRO A 546 -14.59 11.87 -16.42
N TRP A 547 -14.79 13.18 -16.19
CA TRP A 547 -13.69 14.12 -16.37
C TRP A 547 -12.61 13.93 -15.32
N LEU A 548 -13.00 13.49 -14.12
CA LEU A 548 -12.01 13.20 -13.09
C LEU A 548 -11.12 12.03 -13.49
N MET A 549 -11.75 10.94 -13.96
CA MET A 549 -10.97 9.80 -14.40
C MET A 549 -10.11 10.16 -15.61
N THR A 550 -10.63 11.00 -16.50
CA THR A 550 -9.83 11.40 -17.66
C THR A 550 -8.66 12.28 -17.25
N ILE A 551 -8.85 13.14 -16.24
CA ILE A 551 -7.74 13.94 -15.74
C ILE A 551 -6.68 13.05 -15.13
N ILE A 552 -7.09 12.06 -14.33
CA ILE A 552 -6.13 11.13 -13.74
C ILE A 552 -5.37 10.40 -14.83
N GLY A 553 -6.08 9.91 -15.85
CA GLY A 553 -5.42 9.21 -16.93
C GLY A 553 -4.45 10.07 -17.69
N ILE A 554 -4.85 11.32 -17.98
CA ILE A 554 -3.97 12.22 -18.73
C ILE A 554 -2.73 12.54 -17.91
N ILE A 555 -2.90 12.79 -16.61
CA ILE A 555 -1.75 13.07 -15.75
C ILE A 555 -0.81 11.88 -15.73
N ASP A 556 -1.36 10.66 -15.66
CA ASP A 556 -0.50 9.47 -15.60
C ASP A 556 0.24 9.27 -16.92
N ILE A 557 -0.46 9.38 -18.05
CA ILE A 557 0.20 9.20 -19.34
C ILE A 557 1.24 10.29 -19.58
N LEU A 558 1.00 11.51 -19.10
CA LEU A 558 1.99 12.56 -19.30
C LEU A 558 3.17 12.43 -18.36
N PHE A 559 2.95 11.90 -17.15
CA PHE A 559 4.02 11.73 -16.19
C PHE A 559 4.87 10.49 -16.47
N ALA A 560 4.32 9.51 -17.17
CA ALA A 560 5.06 8.28 -17.47
C ALA A 560 6.41 8.51 -18.13
N PRO A 561 6.54 9.33 -19.18
CA PRO A 561 7.85 9.46 -19.83
C PRO A 561 8.94 10.00 -18.92
N LEU A 562 8.57 10.54 -17.76
CA LEU A 562 9.56 11.01 -16.80
C LEU A 562 10.23 9.87 -16.09
N CYS A 563 9.86 8.65 -16.39
CA CYS A 563 10.52 7.49 -15.81
C CYS A 563 11.74 7.04 -16.60
N PHE A 564 11.92 7.54 -17.83
CA PHE A 564 13.11 7.22 -18.59
C PHE A 564 14.37 7.71 -17.90
N PHE A 565 14.26 8.73 -17.05
CA PHE A 565 15.40 9.23 -16.30
C PHE A 565 15.95 8.25 -15.32
N LEU A 566 15.34 7.07 -15.16
CA LEU A 566 15.83 6.05 -14.26
C LEU A 566 16.47 4.90 -15.03
N ARG A 567 16.90 5.17 -16.25
CA ARG A 567 17.61 4.14 -17.02
C ARG A 567 19.01 3.91 -16.47
N SER A 568 19.70 4.99 -16.11
CA SER A 568 21.03 4.88 -15.54
C SER A 568 21.37 6.13 -14.74
N PRO A 569 21.03 6.15 -13.44
CA PRO A 569 21.36 7.31 -12.64
C PRO A 569 22.83 7.33 -12.29
N PRO A 570 23.44 8.50 -12.18
CA PRO A 570 24.86 8.57 -11.79
C PRO A 570 25.03 8.33 -10.30
N ALA A 571 26.27 8.05 -9.92
CA ALA A 571 26.60 7.78 -8.53
C ALA A 571 27.07 9.04 -7.81
O2 XW7 B . -9.20 2.41 2.81
C2 XW7 B . -7.95 -0.22 -1.21
C3 XW7 B . -5.81 -1.14 -2.27
O3 XW7 B . -11.23 0.76 3.36
C4 XW7 B . -7.96 -0.97 -3.64
O4 XW7 B . -4.14 -1.23 0.13
C5 XW7 B . -6.65 -1.01 -0.98
C6 XW7 B . -5.67 -1.41 -4.77
C7 XW7 B . -9.27 -2.31 -1.81
C8 XW7 B . -8.84 -0.02 0.00
N1 XW7 B . -8.74 -0.95 -2.31
C1 XW7 B . -6.57 -1.64 -3.51
C9 XW7 B . -10.21 -2.10 -0.59
C10 XW7 B . -9.91 -0.89 0.29
C11 XW7 B . -5.44 -2.56 -5.79
C12 XW7 B . -8.62 1.08 0.84
C15 XW7 B . -4.67 -2.10 -7.04
C14 XW7 B . -6.79 -3.15 -6.21
C13 XW7 B . -10.70 -0.63 1.41
O1 XW7 B . -4.43 -1.50 -2.13
N2 XW7 B . -2.05 -1.61 -2.71
C16 XW7 B . -9.41 1.33 1.96
C17 XW7 B . -3.70 -1.48 -0.98
C18 XW7 B . -10.46 0.47 2.26
C19 XW7 B . -2.23 -1.79 -1.23
C20 XW7 B . -1.16 -1.02 -0.39
C21 XW7 B . -1.58 0.36 0.16
C22 XW7 B . 0.12 -0.83 -1.23
C23 XW7 B . -7.89 2.92 2.96
C24 XW7 B . -10.78 0.48 4.68
#